data_4QRE
#
_entry.id   4QRE
#
_cell.length_a   64.932
_cell.length_b   75.672
_cell.length_c   119.160
_cell.angle_alpha   90.000
_cell.angle_beta   90.000
_cell.angle_gamma   90.000
#
_symmetry.space_group_name_H-M   'P 21 21 21'
#
loop_
_entity.id
_entity.type
_entity.pdbx_description
1 polymer 'Methionyl-tRNA synthetase'
2 non-polymer 1-(4-{4-[(1H-benzimidazol-2-ylmethyl)amino]-6-(4,5-dimethoxy-2-methylphenoxy)pyrimidin-2-yl}piperazin-1-yl)ethanone
3 non-polymer "ADENOSINE-5'-TRIPHOSPHATE"
4 non-polymer 'MAGNESIUM ION'
5 water water
#
_entity_poly.entity_id   1
_entity_poly.type   'polypeptide(L)'
_entity_poly.pdbx_seq_one_letter_code
;MGHHHHHHDYDIPTTENLYFQGAHMASMAKETFYITTPIYYPSGNLHIGHAYSTVAGDVIARYKRMQGYDVRYLTGTDEH
GQKIQEKAQKAGKTEIEYLDEMIAGIKQLWAKLEISNDDFIRTTEERHKHVVEQVFERLLKQGDIYLGEYEGWYSVPDET
YYTESQLVDPQYENGKIIGGKSPDSGHEVELVKEESYFFNISKYTDRLLEFYDQNPDFIQPPSRKNEMINNFIKPGLADL
AVSRTSFNWGVHVPSNPKHVVYVWIDALVNYISALGYLSDDESLFNKYWPADIHLMAKEIVRFHSIIWPILLMALDLPLP
KKVFAHGWILMKDGKMSKSKGNVVDPNILIDRYGLDATRYYLMRELPFGSDGVFTPEAFVERTNFDLANDLGNLVNRTIS
MVNKYFDGELPAYQGPLHELDEEMEAMALETVKSYTESMESLQFSVALSTVWKFISRTNKYIDETTPWVLAKDDSQKDML
GNVMAHLVENIRYAAVLLRPFLTHAPKEIFEQLNINNPQFMEFSSLEQYGVLTESIMVTGQPKPIFP
;
_entity_poly.pdbx_strand_id   A
#
loop_
_chem_comp.id
_chem_comp.type
_chem_comp.name
_chem_comp.formula
3BG non-polymer 1-(4-{4-[(1H-benzimidazol-2-ylmethyl)amino]-6-(4,5-dimethoxy-2-methylphenoxy)pyrimidin-2-yl}piperazin-1-yl)ethanone 'C27 H31 N7 O4'
ATP non-polymer ADENOSINE-5'-TRIPHOSPHATE 'C10 H16 N5 O13 P3'
MG non-polymer 'MAGNESIUM ION' 'Mg 2'
#
# COMPACT_ATOMS: atom_id res chain seq x y z
N ALA A 29 -11.92 -23.77 5.74
CA ALA A 29 -11.31 -22.55 6.35
C ALA A 29 -11.36 -21.36 5.39
N LYS A 30 -11.31 -20.13 5.93
CA LYS A 30 -11.20 -18.88 5.16
C LYS A 30 -10.00 -18.98 4.23
N GLU A 31 -10.15 -18.54 2.99
CA GLU A 31 -9.01 -18.51 2.08
C GLU A 31 -7.99 -17.50 2.58
N THR A 32 -6.72 -17.86 2.51
CA THR A 32 -5.65 -16.92 2.88
C THR A 32 -5.45 -15.85 1.81
N PHE A 33 -5.01 -14.69 2.27
CA PHE A 33 -4.63 -13.59 1.39
C PHE A 33 -3.42 -12.92 1.99
N TYR A 34 -2.31 -12.94 1.25
CA TYR A 34 -1.05 -12.41 1.75
C TYR A 34 -0.63 -11.23 0.88
N ILE A 35 -0.47 -10.07 1.52
CA ILE A 35 -0.08 -8.84 0.79
C ILE A 35 1.11 -8.18 1.47
N THR A 36 2.01 -7.62 0.68
CA THR A 36 3.22 -7.01 1.24
C THR A 36 3.44 -5.63 0.66
N THR A 37 4.16 -4.81 1.42
CA THR A 37 4.74 -3.57 0.87
C THR A 37 6.24 -3.83 0.60
N PRO A 38 6.93 -2.91 -0.09
CA PRO A 38 8.38 -2.99 -0.15
C PRO A 38 8.97 -2.79 1.24
N ILE A 39 10.23 -3.17 1.43
CA ILE A 39 10.87 -2.87 2.70
C ILE A 39 11.71 -1.61 2.49
N TYR A 40 11.32 -0.54 3.18
CA TYR A 40 11.88 0.78 2.92
C TYR A 40 13.28 0.93 3.49
N TYR A 41 14.08 1.78 2.85
CA TYR A 41 15.47 1.98 3.24
C TYR A 41 15.60 3.19 4.18
N PRO A 42 15.89 2.94 5.48
CA PRO A 42 15.85 4.05 6.45
C PRO A 42 17.13 4.91 6.48
N SER A 43 17.62 5.31 5.31
CA SER A 43 18.77 6.21 5.18
C SER A 43 18.32 7.67 5.35
N GLY A 44 17.01 7.87 5.51
CA GLY A 44 16.41 9.18 5.82
C GLY A 44 14.97 8.95 6.27
N ASN A 45 14.27 10.02 6.65
CA ASN A 45 12.87 9.89 7.07
C ASN A 45 11.98 9.45 5.93
N LEU A 46 10.93 8.71 6.26
CA LEU A 46 9.91 8.36 5.26
C LEU A 46 8.98 9.55 5.00
N HIS A 47 8.42 9.59 3.80
CA HIS A 47 7.53 10.69 3.40
C HIS A 47 6.19 10.14 2.89
N ILE A 48 5.32 11.02 2.39
CA ILE A 48 4.00 10.56 1.93
C ILE A 48 4.06 9.51 0.80
N GLY A 49 5.15 9.48 0.04
CA GLY A 49 5.34 8.44 -0.99
C GLY A 49 5.35 7.05 -0.36
N HIS A 50 6.10 6.91 0.73
CA HIS A 50 6.11 5.67 1.49
C HIS A 50 4.73 5.41 2.13
N ALA A 51 4.13 6.45 2.72
CA ALA A 51 2.80 6.32 3.32
C ALA A 51 1.75 5.84 2.31
N TYR A 52 1.87 6.34 1.07
CA TYR A 52 1.00 5.95 -0.03
C TYR A 52 0.94 4.44 -0.22
N SER A 53 2.10 3.80 -0.40
CA SER A 53 2.14 2.32 -0.55
C SER A 53 1.56 1.60 0.67
N THR A 54 1.92 2.08 1.85
CA THR A 54 1.53 1.39 3.09
C THR A 54 0.02 1.55 3.38
N VAL A 55 -0.53 2.73 3.07
CA VAL A 55 -1.98 2.96 3.18
C VAL A 55 -2.74 2.15 2.12
N ALA A 56 -2.24 2.15 0.88
CA ALA A 56 -2.83 1.31 -0.16
C ALA A 56 -2.88 -0.16 0.26
N GLY A 57 -1.77 -0.68 0.77
CA GLY A 57 -1.72 -2.08 1.23
C GLY A 57 -2.71 -2.30 2.35
N ASP A 58 -2.85 -1.30 3.20
CA ASP A 58 -3.74 -1.38 4.36
C ASP A 58 -5.20 -1.46 3.92
N VAL A 59 -5.54 -0.67 2.90
CA VAL A 59 -6.90 -0.65 2.38
C VAL A 59 -7.22 -2.02 1.82
N ILE A 60 -6.27 -2.60 1.06
CA ILE A 60 -6.49 -3.91 0.46
C ILE A 60 -6.66 -4.95 1.58
N ALA A 61 -5.77 -4.92 2.56
CA ALA A 61 -5.83 -5.87 3.68
C ALA A 61 -7.17 -5.76 4.42
N ARG A 62 -7.61 -4.53 4.71
CA ARG A 62 -8.85 -4.30 5.44
C ARG A 62 -10.08 -4.75 4.64
N TYR A 63 -10.08 -4.44 3.35
CA TYR A 63 -11.13 -4.88 2.44
C TYR A 63 -11.21 -6.40 2.42
N LYS A 64 -10.05 -7.04 2.28
CA LYS A 64 -10.03 -8.50 2.18
C LYS A 64 -10.50 -9.16 3.48
N ARG A 65 -10.10 -8.60 4.64
CA ARG A 65 -10.64 -9.08 5.92
C ARG A 65 -12.18 -8.99 5.95
N MET A 66 -12.72 -7.86 5.50
CA MET A 66 -14.17 -7.67 5.46
C MET A 66 -14.87 -8.62 4.49
N GLN A 67 -14.11 -9.09 3.51
CA GLN A 67 -14.62 -10.04 2.53
C GLN A 67 -14.48 -11.49 2.98
N GLY A 68 -13.93 -11.70 4.17
CA GLY A 68 -13.89 -13.02 4.80
C GLY A 68 -12.62 -13.79 4.53
N TYR A 69 -11.57 -13.09 4.08
CA TYR A 69 -10.27 -13.73 3.93
C TYR A 69 -9.49 -13.80 5.23
N ASP A 70 -8.60 -14.79 5.30
CA ASP A 70 -7.60 -14.89 6.35
C ASP A 70 -6.37 -14.14 5.86
N VAL A 71 -6.24 -12.90 6.33
CA VAL A 71 -5.27 -11.97 5.75
C VAL A 71 -3.98 -11.92 6.55
N ARG A 72 -2.87 -11.79 5.85
CA ARG A 72 -1.62 -11.37 6.49
C ARG A 72 -1.05 -10.22 5.68
N TYR A 73 -0.74 -9.13 6.38
CA TYR A 73 -0.21 -7.94 5.73
C TYR A 73 1.13 -7.61 6.34
N LEU A 74 2.15 -7.59 5.49
CA LEU A 74 3.54 -7.36 5.94
C LEU A 74 4.11 -6.06 5.43
N THR A 75 4.85 -5.36 6.30
CA THR A 75 5.72 -4.26 5.87
C THR A 75 7.04 -4.38 6.63
N GLY A 76 8.03 -3.54 6.33
CA GLY A 76 9.29 -3.66 7.08
C GLY A 76 10.36 -2.74 6.54
N THR A 77 11.61 -3.04 6.90
CA THR A 77 12.74 -2.16 6.60
C THR A 77 13.96 -2.93 6.13
N ASP A 78 14.58 -2.39 5.07
CA ASP A 78 15.82 -2.90 4.48
C ASP A 78 16.96 -2.17 5.18
N GLU A 79 17.74 -2.89 5.99
CA GLU A 79 18.64 -2.26 6.97
C GLU A 79 20.16 -2.34 6.75
N HIS A 80 20.60 -3.07 5.72
CA HIS A 80 22.03 -3.30 5.49
C HIS A 80 22.60 -2.37 4.43
N GLY A 81 23.93 -2.38 4.31
CA GLY A 81 24.56 -1.63 3.25
C GLY A 81 25.43 -0.49 3.72
N GLN A 82 26.27 -0.04 2.79
CA GLN A 82 27.25 1.02 3.07
C GLN A 82 26.60 2.33 3.52
N LYS A 83 25.46 2.67 2.93
CA LYS A 83 24.79 3.95 3.22
C LYS A 83 24.40 4.03 4.69
N ILE A 84 23.95 2.92 5.23
CA ILE A 84 23.58 2.84 6.64
C ILE A 84 24.80 3.02 7.54
N GLN A 85 25.91 2.34 7.20
CA GLN A 85 27.20 2.55 7.88
C GLN A 85 27.52 4.04 7.94
N GLU A 86 27.39 4.70 6.79
CA GLU A 86 27.74 6.11 6.66
C GLU A 86 26.86 7.02 7.50
N LYS A 87 25.55 6.81 7.40
CA LYS A 87 24.59 7.59 8.20
C LYS A 87 24.84 7.46 9.69
N ALA A 88 25.08 6.22 10.13
CA ALA A 88 25.32 5.93 11.54
C ALA A 88 26.59 6.65 12.02
N GLN A 89 27.68 6.48 11.26
CA GLN A 89 28.96 7.07 11.60
C GLN A 89 28.87 8.60 11.68
N LYS A 90 28.28 9.22 10.66
CA LYS A 90 28.18 10.69 10.67
C LYS A 90 27.34 11.18 11.86
N ALA A 91 26.42 10.35 12.32
CA ALA A 91 25.57 10.64 13.49
C ALA A 91 26.22 10.34 14.84
N GLY A 92 27.42 9.74 14.83
CA GLY A 92 28.07 9.30 16.06
C GLY A 92 27.34 8.17 16.77
N LYS A 93 26.68 7.31 16.00
CA LYS A 93 25.95 6.17 16.56
C LYS A 93 26.44 4.86 15.93
N THR A 94 26.24 3.74 16.61
CA THR A 94 26.45 2.43 15.99
C THR A 94 25.36 2.23 14.94
N GLU A 95 25.59 1.28 14.04
CA GLU A 95 24.61 0.99 13.00
C GLU A 95 23.26 0.64 13.62
N ILE A 96 23.28 -0.21 14.63
CA ILE A 96 22.03 -0.68 15.22
C ILE A 96 21.33 0.40 16.06
N GLU A 97 22.11 1.27 16.70
CA GLU A 97 21.56 2.41 17.43
C GLU A 97 20.82 3.32 16.46
N TYR A 98 21.48 3.63 15.35
CA TYR A 98 20.92 4.51 14.33
C TYR A 98 19.63 3.89 13.81
N LEU A 99 19.69 2.61 13.47
CA LEU A 99 18.56 1.89 12.86
C LEU A 99 17.38 1.74 13.81
N ASP A 100 17.67 1.36 15.06
CA ASP A 100 16.64 1.24 16.08
C ASP A 100 15.83 2.54 16.20
N GLU A 101 16.54 3.66 16.18
CA GLU A 101 15.89 4.98 16.26
C GLU A 101 15.03 5.27 15.02
N MET A 102 15.58 4.99 13.84
CA MET A 102 14.82 5.18 12.61
C MET A 102 13.55 4.31 12.60
N ILE A 103 13.72 3.04 12.95
CA ILE A 103 12.61 2.10 12.92
C ILE A 103 11.55 2.43 13.97
N ALA A 104 11.98 2.89 15.15
CA ALA A 104 11.02 3.42 16.12
C ALA A 104 10.14 4.51 15.50
N GLY A 105 10.75 5.44 14.76
CA GLY A 105 9.99 6.49 14.04
C GLY A 105 9.03 5.93 13.01
N ILE A 106 9.51 4.94 12.25
CA ILE A 106 8.70 4.33 11.21
C ILE A 106 7.51 3.58 11.81
N LYS A 107 7.77 2.78 12.85
CA LYS A 107 6.70 2.07 13.57
C LYS A 107 5.66 3.03 14.18
N GLN A 108 6.13 4.15 14.71
CA GLN A 108 5.25 5.21 15.21
C GLN A 108 4.36 5.76 14.10
N LEU A 109 4.94 5.99 12.93
CA LEU A 109 4.19 6.49 11.79
C LEU A 109 3.07 5.53 11.40
N TRP A 110 3.39 4.23 11.30
CA TRP A 110 2.39 3.25 10.89
C TRP A 110 1.29 3.15 11.97
N ALA A 111 1.69 3.23 13.25
CA ALA A 111 0.72 3.30 14.36
C ALA A 111 -0.20 4.54 14.22
N LYS A 112 0.40 5.68 13.90
CA LYS A 112 -0.33 6.94 13.73
C LYS A 112 -1.31 6.86 12.55
N LEU A 113 -0.89 6.18 11.47
CA LEU A 113 -1.73 5.95 10.28
C LEU A 113 -2.75 4.82 10.48
N GLU A 114 -2.70 4.19 11.64
CA GLU A 114 -3.52 3.02 11.97
C GLU A 114 -3.45 1.94 10.90
N ILE A 115 -2.21 1.59 10.54
CA ILE A 115 -1.95 0.51 9.59
C ILE A 115 -2.17 -0.83 10.31
N SER A 116 -2.90 -1.73 9.64
CA SER A 116 -3.25 -3.04 10.20
C SER A 116 -2.24 -4.14 9.80
N ASN A 117 -0.97 -3.76 9.64
CA ASN A 117 0.07 -4.77 9.38
C ASN A 117 0.16 -5.79 10.52
N ASP A 118 0.29 -7.06 10.12
CA ASP A 118 0.33 -8.16 11.07
C ASP A 118 1.74 -8.43 11.58
N ASP A 119 2.73 -7.87 10.89
CA ASP A 119 4.11 -8.05 11.28
C ASP A 119 4.89 -6.90 10.67
N PHE A 120 6.11 -6.72 11.16
CA PHE A 120 7.05 -5.73 10.66
C PHE A 120 8.39 -6.45 10.61
N ILE A 121 8.92 -6.65 9.39
CA ILE A 121 10.17 -7.37 9.23
C ILE A 121 11.36 -6.42 9.15
N ARG A 122 12.38 -6.66 9.98
CA ARG A 122 13.63 -5.89 9.94
C ARG A 122 14.73 -6.83 9.48
N THR A 123 15.52 -6.43 8.48
CA THR A 123 16.52 -7.36 7.95
C THR A 123 17.69 -7.65 8.91
N THR A 124 17.73 -6.91 10.01
CA THR A 124 18.70 -7.13 11.09
C THR A 124 18.28 -8.25 12.05
N GLU A 125 17.01 -8.68 11.96
CA GLU A 125 16.48 -9.72 12.85
C GLU A 125 17.05 -11.06 12.45
N GLU A 126 17.34 -11.95 13.42
CA GLU A 126 17.93 -13.25 13.10
C GLU A 126 17.04 -14.11 12.19
N ARG A 127 15.74 -14.04 12.38
CA ARG A 127 14.82 -14.79 11.52
C ARG A 127 15.07 -14.48 10.04
N HIS A 128 15.44 -13.22 9.77
CA HIS A 128 15.78 -12.82 8.40
C HIS A 128 17.20 -13.25 8.00
N LYS A 129 18.19 -12.86 8.81
CA LYS A 129 19.58 -13.22 8.51
C LYS A 129 19.77 -14.71 8.24
N HIS A 130 19.09 -15.53 9.05
CA HIS A 130 19.20 -16.96 8.88
C HIS A 130 18.76 -17.40 7.48
N VAL A 131 17.69 -16.80 6.99
CA VAL A 131 17.20 -17.13 5.64
C VAL A 131 18.18 -16.66 4.58
N VAL A 132 18.69 -15.45 4.72
CA VAL A 132 19.69 -14.92 3.77
C VAL A 132 20.88 -15.87 3.69
N GLU A 133 21.38 -16.29 4.85
CA GLU A 133 22.53 -17.22 4.95
C GLU A 133 22.23 -18.54 4.25
N GLN A 134 21.10 -19.14 4.59
CA GLN A 134 20.73 -20.46 4.09
C GLN A 134 20.47 -20.46 2.57
N VAL A 135 19.75 -19.45 2.11
CA VAL A 135 19.46 -19.30 0.67
C VAL A 135 20.77 -19.14 -0.10
N PHE A 136 21.67 -18.28 0.38
CA PHE A 136 22.94 -18.05 -0.31
C PHE A 136 23.72 -19.37 -0.37
N GLU A 137 23.86 -20.02 0.78
CA GLU A 137 24.60 -21.30 0.84
C GLU A 137 23.99 -22.37 -0.05
N ARG A 138 22.65 -22.41 -0.12
CA ARG A 138 21.98 -23.40 -0.95
C ARG A 138 22.30 -23.16 -2.43
N LEU A 139 22.19 -21.91 -2.86
CA LEU A 139 22.47 -21.56 -4.26
C LEU A 139 23.94 -21.82 -4.63
N LEU A 140 24.85 -21.56 -3.69
CA LEU A 140 26.26 -21.93 -3.86
C LEU A 140 26.42 -23.44 -4.06
N LYS A 141 25.81 -24.22 -3.16
CA LYS A 141 25.95 -25.68 -3.15
C LYS A 141 25.36 -26.26 -4.44
N GLN A 142 24.21 -25.71 -4.86
CA GLN A 142 23.56 -26.11 -6.10
C GLN A 142 24.40 -25.75 -7.33
N GLY A 143 25.18 -24.67 -7.21
CA GLY A 143 26.00 -24.18 -8.32
C GLY A 143 25.33 -23.08 -9.13
N ASP A 144 24.22 -22.54 -8.62
CA ASP A 144 23.57 -21.35 -9.21
C ASP A 144 24.41 -20.09 -9.04
N ILE A 145 25.25 -20.08 -8.02
CA ILE A 145 26.13 -18.96 -7.69
C ILE A 145 27.57 -19.42 -7.73
N TYR A 146 28.40 -18.58 -8.34
CA TYR A 146 29.83 -18.83 -8.45
C TYR A 146 30.66 -17.55 -8.33
N LEU A 147 31.92 -17.71 -7.95
CA LEU A 147 32.78 -16.58 -7.65
C LEU A 147 33.33 -15.90 -8.90
N GLY A 148 33.31 -14.57 -8.90
CA GLY A 148 33.98 -13.79 -9.94
C GLY A 148 34.34 -12.39 -9.48
N GLU A 149 34.38 -11.46 -10.43
CA GLU A 149 34.67 -10.08 -10.10
C GLU A 149 33.57 -9.18 -10.64
N TYR A 150 33.02 -8.36 -9.74
CA TYR A 150 32.09 -7.32 -10.12
C TYR A 150 32.87 -6.16 -10.68
N GLU A 151 32.32 -5.57 -11.74
CA GLU A 151 32.88 -4.43 -12.40
C GLU A 151 31.71 -3.49 -12.61
N GLY A 152 31.82 -2.29 -12.05
CA GLY A 152 30.77 -1.30 -12.15
C GLY A 152 31.32 0.11 -12.17
N TRP A 153 30.46 1.06 -12.39
CA TRP A 153 30.81 2.47 -12.45
C TRP A 153 30.04 3.41 -11.51
N TYR A 154 30.71 3.94 -10.49
CA TYR A 154 30.03 4.60 -9.38
C TYR A 154 30.05 6.12 -9.55
N SER A 155 28.89 6.72 -9.36
CA SER A 155 28.74 8.18 -9.20
C SER A 155 28.37 8.53 -7.78
N VAL A 156 29.25 9.26 -7.14
CA VAL A 156 29.04 9.68 -5.77
C VAL A 156 27.75 10.39 -5.53
N PRO A 157 27.38 11.24 -6.46
CA PRO A 157 26.19 12.07 -6.33
C PRO A 157 24.90 11.24 -6.35
N ASP A 158 24.89 10.19 -7.19
CA ASP A 158 23.67 9.50 -7.50
C ASP A 158 23.59 8.28 -6.63
N GLU A 159 24.63 8.02 -5.88
CA GLU A 159 24.65 6.83 -5.08
C GLU A 159 24.20 5.65 -5.87
N THR A 160 24.68 5.63 -7.12
CA THR A 160 24.23 4.71 -8.14
C THR A 160 25.43 4.16 -8.93
N TYR A 161 25.43 2.87 -9.15
CA TYR A 161 26.36 2.23 -10.05
C TYR A 161 25.70 2.03 -11.38
N TYR A 162 26.47 2.22 -12.44
CA TYR A 162 26.03 2.00 -13.80
C TYR A 162 26.93 0.98 -14.47
N THR A 163 26.42 0.37 -15.54
CA THR A 163 27.25 -0.46 -16.41
C THR A 163 27.99 0.44 -17.41
N GLU A 164 29.05 -0.10 -18.02
CA GLU A 164 29.75 0.60 -19.10
C GLU A 164 28.75 1.00 -20.20
N SER A 165 27.79 0.12 -20.43
CA SER A 165 26.81 0.22 -21.51
C SER A 165 25.87 1.42 -21.42
N GLN A 166 25.69 1.96 -20.21
CA GLN A 166 24.72 3.03 -19.99
C GLN A 166 25.34 4.39 -19.65
N LEU A 167 26.67 4.48 -19.74
CA LEU A 167 27.37 5.74 -19.49
C LEU A 167 27.24 6.72 -20.66
N VAL A 168 27.19 8.02 -20.33
CA VAL A 168 27.14 9.09 -21.33
C VAL A 168 28.55 9.66 -21.52
N ASP A 169 28.87 10.05 -22.76
CA ASP A 169 30.21 10.47 -23.16
C ASP A 169 31.29 9.41 -22.85
N PRO A 170 31.07 8.15 -23.28
CA PRO A 170 31.99 7.08 -22.91
C PRO A 170 33.40 7.31 -23.44
N GLN A 171 34.37 7.32 -22.53
CA GLN A 171 35.77 7.51 -22.87
C GLN A 171 36.40 6.15 -23.18
N TYR A 172 37.40 6.16 -24.05
CA TYR A 172 38.03 4.92 -24.50
C TYR A 172 39.55 5.00 -24.48
N GLU A 173 40.20 3.89 -24.16
CA GLU A 173 41.65 3.76 -24.31
C GLU A 173 42.03 2.41 -24.89
N ASN A 174 42.23 2.37 -26.20
CA ASN A 174 42.15 1.12 -26.95
C ASN A 174 40.78 0.47 -26.83
N GLY A 175 40.75 -0.78 -26.38
CA GLY A 175 39.64 -1.29 -25.60
C GLY A 175 38.34 -0.57 -25.90
N LYS A 176 38.25 0.68 -25.46
CA LYS A 176 37.92 0.97 -24.07
C LYS A 176 37.26 2.34 -23.94
N ILE A 177 36.10 2.36 -23.27
CA ILE A 177 35.87 1.55 -22.08
C ILE A 177 36.64 1.91 -20.76
N ILE A 178 37.09 3.15 -20.55
CA ILE A 178 37.84 3.40 -19.32
C ILE A 178 37.22 4.45 -18.39
N GLY A 179 36.13 5.08 -18.84
CA GLY A 179 35.47 6.11 -18.03
C GLY A 179 34.25 6.73 -18.68
N GLY A 180 33.66 7.71 -17.99
CA GLY A 180 32.48 8.40 -18.49
C GLY A 180 31.71 9.12 -17.41
N LYS A 181 30.44 9.41 -17.70
CA LYS A 181 29.57 10.10 -16.75
C LYS A 181 28.12 9.63 -16.80
N SER A 182 27.44 9.81 -15.66
CA SER A 182 26.11 9.28 -15.42
C SER A 182 25.04 9.79 -16.40
N PRO A 183 24.17 8.89 -16.80
CA PRO A 183 22.94 9.24 -17.50
C PRO A 183 21.88 10.02 -16.69
N ASP A 184 22.05 10.02 -15.38
CA ASP A 184 21.21 10.83 -14.55
C ASP A 184 21.83 12.17 -14.36
N SER A 185 22.81 12.27 -13.50
CA SER A 185 23.42 13.54 -13.22
C SER A 185 24.25 13.39 -14.43
N GLY A 186 25.15 14.32 -14.67
CA GLY A 186 26.31 14.03 -15.47
C GLY A 186 27.65 13.88 -14.83
N HIS A 187 27.63 13.37 -13.62
CA HIS A 187 28.83 13.40 -12.84
C HIS A 187 29.79 12.36 -13.37
N GLU A 188 31.07 12.63 -13.20
CA GLU A 188 32.15 11.68 -13.53
C GLU A 188 32.06 10.42 -12.67
N VAL A 189 31.99 9.27 -13.33
CA VAL A 189 31.95 7.98 -12.63
C VAL A 189 33.36 7.47 -12.30
N GLU A 190 33.45 6.62 -11.28
CA GLU A 190 34.71 5.99 -10.89
C GLU A 190 34.59 4.48 -11.03
N LEU A 191 35.63 3.85 -11.55
CA LEU A 191 35.63 2.39 -11.70
C LEU A 191 35.66 1.70 -10.34
N VAL A 192 34.76 0.73 -10.19
CA VAL A 192 34.79 -0.17 -9.05
C VAL A 192 34.98 -1.58 -9.60
N LYS A 193 36.00 -2.25 -9.09
CA LYS A 193 36.18 -3.68 -9.29
C LYS A 193 36.38 -4.29 -7.91
N GLU A 194 35.64 -5.35 -7.64
CA GLU A 194 35.82 -6.10 -6.40
C GLU A 194 35.29 -7.51 -6.58
N GLU A 195 35.83 -8.44 -5.80
CA GLU A 195 35.36 -9.81 -5.86
C GLU A 195 33.88 -9.86 -5.49
N SER A 196 33.13 -10.71 -6.20
CA SER A 196 31.69 -10.85 -5.97
C SER A 196 31.22 -12.21 -6.46
N TYR A 197 30.27 -12.78 -5.73
CA TYR A 197 29.56 -13.94 -6.22
C TYR A 197 28.50 -13.53 -7.24
N PHE A 198 28.36 -14.35 -8.28
CA PHE A 198 27.34 -14.14 -9.32
C PHE A 198 26.30 -15.25 -9.34
N PHE A 199 25.04 -14.85 -9.52
CA PHE A 199 23.89 -15.74 -9.67
C PHE A 199 23.58 -15.81 -11.16
N ASN A 200 23.68 -17.00 -11.75
CA ASN A 200 23.34 -17.18 -13.17
C ASN A 200 21.82 -17.21 -13.36
N ILE A 201 21.23 -16.03 -13.51
CA ILE A 201 19.79 -15.90 -13.65
C ILE A 201 19.31 -16.27 -15.05
N SER A 202 20.18 -16.13 -16.04
CA SER A 202 19.77 -16.39 -17.43
C SER A 202 19.34 -17.85 -17.69
N LYS A 203 19.83 -18.80 -16.89
CA LYS A 203 19.40 -20.21 -17.01
C LYS A 203 17.87 -20.34 -16.93
N TYR A 204 17.24 -19.43 -16.19
CA TYR A 204 15.82 -19.46 -15.88
C TYR A 204 14.95 -18.67 -16.85
N THR A 205 15.58 -18.08 -17.88
CA THR A 205 14.88 -17.24 -18.84
C THR A 205 13.63 -17.90 -19.43
N ASP A 206 13.79 -19.12 -19.95
CA ASP A 206 12.68 -19.81 -20.63
C ASP A 206 11.54 -20.12 -19.67
N ARG A 207 11.89 -20.59 -18.48
CA ARG A 207 10.91 -20.86 -17.44
C ARG A 207 10.17 -19.60 -17.01
N LEU A 208 10.88 -18.47 -16.96
CA LEU A 208 10.26 -17.20 -16.58
C LEU A 208 9.26 -16.72 -17.64
N LEU A 209 9.63 -16.83 -18.90
CA LEU A 209 8.75 -16.46 -20.01
C LEU A 209 7.51 -17.36 -20.06
N GLU A 210 7.71 -18.65 -19.76
CA GLU A 210 6.60 -19.61 -19.66
C GLU A 210 5.67 -19.21 -18.53
N PHE A 211 6.24 -18.78 -17.41
CA PHE A 211 5.46 -18.31 -16.28
C PHE A 211 4.59 -17.11 -16.65
N TYR A 212 5.19 -16.10 -17.28
CA TYR A 212 4.43 -14.94 -17.75
C TYR A 212 3.26 -15.36 -18.63
N ASP A 213 3.53 -16.29 -19.56
CA ASP A 213 2.49 -16.80 -20.47
C ASP A 213 1.33 -17.45 -19.72
N GLN A 214 1.66 -18.30 -18.75
CA GLN A 214 0.67 -18.98 -17.92
C GLN A 214 -0.05 -18.02 -16.97
N ASN A 215 0.59 -16.89 -16.65
CA ASN A 215 0.03 -15.92 -15.70
C ASN A 215 -0.06 -14.50 -16.28
N PRO A 216 -1.06 -14.25 -17.15
CA PRO A 216 -1.09 -13.01 -17.93
C PRO A 216 -1.24 -11.75 -17.08
N ASP A 217 -1.72 -11.90 -15.86
CA ASP A 217 -2.01 -10.77 -14.99
C ASP A 217 -0.97 -10.64 -13.86
N PHE A 218 0.14 -11.38 -13.99
CA PHE A 218 1.22 -11.33 -13.00
C PHE A 218 1.76 -9.89 -12.81
N ILE A 219 1.96 -9.16 -13.90
CA ILE A 219 2.48 -7.78 -13.76
C ILE A 219 1.39 -6.73 -14.06
N GLN A 220 1.01 -5.96 -13.05
CA GLN A 220 -0.06 -4.95 -13.16
C GLN A 220 0.40 -3.52 -12.79
N PRO A 221 0.03 -2.51 -13.60
CA PRO A 221 -0.63 -2.57 -14.91
C PRO A 221 0.19 -3.35 -15.95
N PRO A 222 -0.47 -3.85 -17.02
CA PRO A 222 0.22 -4.66 -18.02
C PRO A 222 1.39 -3.93 -18.67
N SER A 223 1.30 -2.60 -18.72
CA SER A 223 2.36 -1.73 -19.26
C SER A 223 3.74 -2.12 -18.76
N ARG A 224 3.83 -2.36 -17.45
CA ARG A 224 5.08 -2.69 -16.78
C ARG A 224 5.79 -3.91 -17.37
N LYS A 225 5.01 -4.94 -17.73
CA LYS A 225 5.56 -6.21 -18.21
C LYS A 225 6.30 -6.09 -19.54
N ASN A 226 5.69 -5.36 -20.47
CA ASN A 226 6.23 -5.25 -21.80
C ASN A 226 7.54 -4.46 -21.83
N GLU A 227 7.67 -3.53 -20.88
CA GLU A 227 8.94 -2.87 -20.60
C GLU A 227 9.97 -3.90 -20.09
N MET A 228 9.53 -4.82 -19.23
CA MET A 228 10.39 -5.88 -18.66
C MET A 228 11.06 -6.70 -19.75
N ILE A 229 10.23 -7.34 -20.58
CA ILE A 229 10.71 -8.26 -21.59
C ILE A 229 11.60 -7.54 -22.62
N ASN A 230 11.16 -6.38 -23.09
CA ASN A 230 11.89 -5.59 -24.08
C ASN A 230 13.20 -5.01 -23.56
N ASN A 231 13.10 -4.18 -22.52
CA ASN A 231 14.27 -3.46 -22.00
C ASN A 231 15.31 -4.38 -21.36
N PHE A 232 14.88 -5.52 -20.81
CA PHE A 232 15.76 -6.32 -19.95
C PHE A 232 15.93 -7.80 -20.27
N ILE A 233 14.84 -8.51 -20.58
CA ILE A 233 14.94 -9.97 -20.81
C ILE A 233 15.45 -10.33 -22.21
N LYS A 234 15.09 -9.53 -23.22
CA LYS A 234 15.49 -9.78 -24.61
C LYS A 234 17.01 -9.92 -24.82
N PRO A 235 17.81 -8.90 -24.38
CA PRO A 235 19.28 -8.92 -24.58
C PRO A 235 20.08 -10.22 -24.27
N GLY A 236 19.86 -10.92 -23.16
CA GLY A 236 19.07 -10.49 -22.04
C GLY A 236 19.85 -10.47 -20.74
N LEU A 237 19.57 -11.42 -19.86
CA LEU A 237 19.91 -11.28 -18.44
C LEU A 237 21.37 -11.56 -18.07
N ALA A 238 22.10 -10.51 -17.71
CA ALA A 238 23.48 -10.66 -17.24
C ALA A 238 23.47 -11.38 -15.90
N ASP A 239 24.55 -12.10 -15.58
CA ASP A 239 24.70 -12.67 -14.24
C ASP A 239 24.59 -11.57 -13.19
N LEU A 240 23.97 -11.91 -12.08
CA LEU A 240 23.63 -10.93 -11.07
C LEU A 240 24.67 -10.96 -9.98
N ALA A 241 25.28 -9.80 -9.71
CA ALA A 241 26.31 -9.72 -8.67
C ALA A 241 25.66 -9.66 -7.28
N VAL A 242 25.69 -10.77 -6.55
CA VAL A 242 24.87 -10.93 -5.34
C VAL A 242 25.62 -10.79 -4.01
N SER A 243 26.92 -10.53 -4.07
CA SER A 243 27.71 -10.21 -2.88
C SER A 243 28.71 -9.10 -3.18
N ARG A 244 29.29 -8.56 -2.10
CA ARG A 244 30.36 -7.57 -2.22
C ARG A 244 31.35 -7.86 -1.10
N THR A 245 32.56 -7.32 -1.24
CA THR A 245 33.60 -7.46 -0.22
C THR A 245 33.94 -6.11 0.41
N SER A 246 33.36 -5.03 -0.13
CA SER A 246 33.83 -3.67 0.18
C SER A 246 33.12 -2.98 1.36
N PHE A 247 32.15 -3.64 1.96
CA PHE A 247 31.52 -3.14 3.18
C PHE A 247 31.16 -4.30 4.12
N ASN A 248 31.09 -4.02 5.42
CA ASN A 248 30.87 -5.06 6.44
C ASN A 248 29.47 -5.13 7.04
N TRP A 249 28.69 -4.07 6.87
CA TRP A 249 27.37 -4.03 7.47
C TRP A 249 26.36 -4.75 6.60
N GLY A 250 26.16 -6.03 6.93
CA GLY A 250 25.26 -6.89 6.19
C GLY A 250 25.44 -8.33 6.61
N VAL A 251 24.75 -9.22 5.91
CA VAL A 251 24.82 -10.64 6.15
C VAL A 251 26.07 -11.23 5.50
N HIS A 252 26.96 -11.78 6.33
CA HIS A 252 28.17 -12.38 5.81
C HIS A 252 27.92 -13.83 5.34
N VAL A 253 28.56 -14.20 4.26
CA VAL A 253 28.39 -15.52 3.64
C VAL A 253 29.13 -16.54 4.52
N PRO A 254 28.39 -17.47 5.12
CA PRO A 254 28.99 -18.42 6.08
C PRO A 254 30.24 -19.14 5.56
N SER A 255 30.20 -19.62 4.32
CA SER A 255 31.31 -20.39 3.75
C SER A 255 32.44 -19.49 3.19
N ASN A 256 32.17 -18.19 3.07
CA ASN A 256 33.17 -17.23 2.63
C ASN A 256 32.89 -15.86 3.24
N PRO A 257 33.16 -15.72 4.56
CA PRO A 257 32.68 -14.57 5.32
C PRO A 257 33.29 -13.18 5.06
N LYS A 258 34.30 -13.08 4.19
CA LYS A 258 34.70 -11.75 3.68
C LYS A 258 33.67 -11.17 2.70
N HIS A 259 32.81 -12.05 2.18
CA HIS A 259 31.69 -11.62 1.35
C HIS A 259 30.47 -11.26 2.18
N VAL A 260 29.85 -10.16 1.79
CA VAL A 260 28.57 -9.73 2.36
C VAL A 260 27.51 -9.79 1.28
N VAL A 261 26.34 -10.28 1.65
CA VAL A 261 25.24 -10.41 0.68
C VAL A 261 24.77 -9.02 0.30
N TYR A 262 24.65 -8.81 -1.01
CA TYR A 262 24.24 -7.52 -1.49
C TYR A 262 22.70 -7.45 -1.47
N VAL A 263 22.14 -6.36 -1.96
CA VAL A 263 20.72 -6.10 -1.81
C VAL A 263 19.78 -7.21 -2.33
N TRP A 264 20.07 -7.79 -3.50
CA TRP A 264 19.12 -8.67 -4.18
C TRP A 264 18.56 -9.81 -3.31
N ILE A 265 19.45 -10.68 -2.84
CA ILE A 265 19.02 -11.80 -2.02
C ILE A 265 18.57 -11.34 -0.62
N ASP A 266 19.27 -10.37 -0.06
CA ASP A 266 18.97 -9.89 1.29
C ASP A 266 17.55 -9.29 1.35
N ALA A 267 17.30 -8.24 0.57
CA ALA A 267 16.02 -7.54 0.67
C ALA A 267 14.83 -8.39 0.19
N LEU A 268 14.99 -9.09 -0.93
CA LEU A 268 13.87 -9.82 -1.52
C LEU A 268 13.29 -10.91 -0.61
N VAL A 269 14.17 -11.62 0.11
CA VAL A 269 13.72 -12.77 0.91
C VAL A 269 12.93 -12.38 2.16
N ASN A 270 12.85 -11.08 2.46
CA ASN A 270 12.01 -10.61 3.58
C ASN A 270 10.58 -11.20 3.54
N TYR A 271 10.04 -11.35 2.32
CA TYR A 271 8.65 -11.76 2.17
C TYR A 271 8.39 -13.20 2.64
N ILE A 272 9.46 -13.99 2.69
CA ILE A 272 9.39 -15.37 3.16
C ILE A 272 10.05 -15.53 4.53
N SER A 273 11.13 -14.79 4.81
CA SER A 273 11.76 -14.85 6.13
C SER A 273 10.79 -14.45 7.25
N ALA A 274 9.98 -13.41 6.98
CA ALA A 274 9.00 -12.93 7.96
C ALA A 274 7.98 -14.00 8.34
N LEU A 275 7.78 -14.96 7.44
CA LEU A 275 6.81 -16.05 7.65
C LEU A 275 7.45 -17.25 8.35
N GLY A 276 8.73 -17.12 8.69
CA GLY A 276 9.41 -18.17 9.44
C GLY A 276 9.94 -19.28 8.56
N TYR A 277 10.09 -18.98 7.27
CA TYR A 277 10.78 -19.87 6.34
C TYR A 277 12.14 -20.32 6.93
N LEU A 278 12.40 -21.63 6.94
CA LEU A 278 13.67 -22.21 7.42
C LEU A 278 13.95 -21.96 8.90
N SER A 279 12.90 -21.60 9.66
CA SER A 279 12.98 -21.51 11.12
C SER A 279 12.45 -22.80 11.74
N ASP A 280 12.40 -22.83 13.07
CA ASP A 280 11.82 -23.97 13.79
C ASP A 280 10.29 -23.98 13.74
N ASP A 281 9.69 -22.91 13.20
CA ASP A 281 8.24 -22.82 13.04
C ASP A 281 7.91 -22.18 11.68
N GLU A 282 7.67 -23.02 10.69
CA GLU A 282 7.35 -22.56 9.33
C GLU A 282 5.85 -22.48 9.06
N SER A 283 5.04 -22.57 10.11
CA SER A 283 3.57 -22.62 9.95
C SER A 283 2.98 -21.41 9.18
N LEU A 284 3.47 -20.19 9.41
CA LEU A 284 2.95 -19.04 8.66
C LEU A 284 3.33 -19.20 7.20
N PHE A 285 4.57 -19.63 6.96
CA PHE A 285 5.07 -19.79 5.59
C PHE A 285 4.23 -20.81 4.83
N ASN A 286 3.96 -21.93 5.49
CA ASN A 286 3.20 -23.03 4.87
C ASN A 286 1.78 -22.62 4.53
N LYS A 287 1.28 -21.61 5.22
CA LYS A 287 -0.07 -21.09 5.08
C LYS A 287 -0.18 -19.97 4.04
N TYR A 288 0.68 -18.94 4.17
CA TYR A 288 0.53 -17.71 3.41
C TYR A 288 1.32 -17.63 2.11
N TRP A 289 2.45 -18.32 2.03
CA TRP A 289 3.24 -18.30 0.80
C TRP A 289 2.57 -19.21 -0.23
N PRO A 290 2.45 -18.76 -1.50
CA PRO A 290 2.91 -17.53 -2.13
C PRO A 290 2.03 -16.29 -1.96
N ALA A 291 2.68 -15.12 -1.91
CA ALA A 291 2.00 -13.85 -1.75
C ALA A 291 0.96 -13.69 -2.86
N ASP A 292 -0.18 -13.15 -2.47
CA ASP A 292 -1.22 -12.81 -3.43
C ASP A 292 -0.87 -11.53 -4.16
N ILE A 293 -0.39 -10.53 -3.44
CA ILE A 293 0.05 -9.26 -4.06
C ILE A 293 1.33 -8.73 -3.37
N HIS A 294 2.37 -8.45 -4.17
CA HIS A 294 3.45 -7.57 -3.74
C HIS A 294 3.16 -6.18 -4.32
N LEU A 295 3.00 -5.20 -3.43
CA LEU A 295 2.74 -3.82 -3.85
C LEU A 295 4.04 -3.03 -3.84
N MET A 296 4.17 -2.07 -4.76
CA MET A 296 5.37 -1.22 -4.87
C MET A 296 5.13 -0.08 -5.87
N ALA A 297 6.09 0.84 -5.96
CA ALA A 297 6.12 1.79 -7.11
C ALA A 297 6.97 1.23 -8.26
N LYS A 298 6.89 1.89 -9.42
CA LYS A 298 7.46 1.34 -10.67
C LYS A 298 8.96 1.06 -10.70
N GLU A 299 9.76 1.75 -9.88
CA GLU A 299 11.22 1.63 -10.01
C GLU A 299 11.80 0.30 -9.52
N ILE A 300 11.00 -0.49 -8.79
CA ILE A 300 11.46 -1.79 -8.29
C ILE A 300 10.64 -2.96 -8.85
N VAL A 301 9.78 -2.69 -9.84
CA VAL A 301 8.99 -3.74 -10.47
C VAL A 301 9.91 -4.80 -11.13
N ARG A 302 10.96 -4.34 -11.82
CA ARG A 302 11.87 -5.27 -12.48
C ARG A 302 12.49 -6.26 -11.48
N PHE A 303 12.89 -5.76 -10.30
CA PHE A 303 13.49 -6.62 -9.27
C PHE A 303 12.48 -7.66 -8.79
N HIS A 304 11.21 -7.27 -8.73
CA HIS A 304 10.16 -8.15 -8.24
C HIS A 304 9.58 -9.08 -9.29
N SER A 305 9.79 -8.74 -10.57
CA SER A 305 9.17 -9.44 -11.69
C SER A 305 10.13 -10.33 -12.42
N ILE A 306 11.43 -10.14 -12.16
CA ILE A 306 12.47 -10.92 -12.83
C ILE A 306 13.35 -11.62 -11.82
N ILE A 307 14.12 -10.84 -11.05
CA ILE A 307 15.06 -11.41 -10.06
C ILE A 307 14.33 -12.28 -9.03
N TRP A 308 13.27 -11.75 -8.44
CA TRP A 308 12.53 -12.45 -7.39
C TRP A 308 11.93 -13.80 -7.86
N PRO A 309 11.14 -13.82 -8.96
CA PRO A 309 10.66 -15.14 -9.37
C PRO A 309 11.80 -16.11 -9.73
N ILE A 310 12.90 -15.61 -10.31
CA ILE A 310 14.04 -16.47 -10.62
C ILE A 310 14.69 -17.07 -9.36
N LEU A 311 14.89 -16.25 -8.33
CA LEU A 311 15.39 -16.72 -7.04
C LEU A 311 14.47 -17.80 -6.48
N LEU A 312 13.16 -17.58 -6.56
CA LEU A 312 12.18 -18.56 -6.06
C LEU A 312 12.28 -19.89 -6.83
N MET A 313 12.42 -19.83 -8.16
CA MET A 313 12.63 -21.05 -8.96
C MET A 313 13.90 -21.78 -8.53
N ALA A 314 14.96 -21.02 -8.26
CA ALA A 314 16.23 -21.62 -7.83
C ALA A 314 16.06 -22.32 -6.47
N LEU A 315 15.08 -21.85 -5.69
CA LEU A 315 14.75 -22.41 -4.39
C LEU A 315 13.59 -23.43 -4.44
N ASP A 316 13.12 -23.74 -5.64
CA ASP A 316 11.98 -24.67 -5.85
C ASP A 316 10.76 -24.25 -5.01
N LEU A 317 10.48 -22.94 -5.02
CA LEU A 317 9.34 -22.34 -4.31
C LEU A 317 8.34 -21.73 -5.29
N PRO A 318 7.03 -21.78 -4.93
CA PRO A 318 5.99 -21.15 -5.74
C PRO A 318 6.19 -19.64 -5.85
N LEU A 319 5.78 -19.09 -6.98
CA LEU A 319 6.00 -17.69 -7.26
C LEU A 319 4.79 -16.88 -6.81
N PRO A 320 4.97 -15.55 -6.59
CA PRO A 320 3.86 -14.74 -6.17
C PRO A 320 2.81 -14.65 -7.28
N LYS A 321 1.57 -14.33 -6.91
CA LYS A 321 0.47 -14.32 -7.87
C LYS A 321 0.42 -13.02 -8.66
N LYS A 322 0.86 -11.94 -8.05
CA LYS A 322 0.73 -10.63 -8.66
C LYS A 322 1.73 -9.63 -8.09
N VAL A 323 2.38 -8.91 -9.00
CA VAL A 323 3.18 -7.75 -8.66
C VAL A 323 2.38 -6.53 -9.12
N PHE A 324 2.05 -5.65 -8.19
CA PHE A 324 1.26 -4.46 -8.50
C PHE A 324 2.10 -3.22 -8.26
N ALA A 325 2.32 -2.47 -9.34
CA ALA A 325 3.07 -1.23 -9.24
C ALA A 325 2.14 -0.04 -9.39
N HIS A 326 2.02 0.75 -8.34
CA HIS A 326 1.31 2.02 -8.46
C HIS A 326 2.24 3.12 -8.95
N GLY A 327 1.68 4.31 -9.17
CA GLY A 327 2.43 5.45 -9.69
C GLY A 327 3.17 6.21 -8.61
N TRP A 328 3.78 7.33 -9.00
CA TRP A 328 4.54 8.17 -8.09
C TRP A 328 3.76 9.39 -7.64
N ILE A 329 3.94 9.76 -6.37
CA ILE A 329 3.60 11.09 -5.93
C ILE A 329 4.73 12.03 -6.36
N LEU A 330 4.35 13.08 -7.08
CA LEU A 330 5.29 14.02 -7.64
C LEU A 330 5.19 15.36 -6.91
N MET A 331 6.24 16.17 -7.03
CA MET A 331 6.16 17.60 -6.72
C MET A 331 6.46 18.35 -8.02
N LYS A 332 6.64 19.66 -7.97
CA LYS A 332 6.88 20.41 -9.20
C LYS A 332 8.17 19.98 -9.95
N ASP A 333 9.04 19.22 -9.27
CA ASP A 333 10.37 18.92 -9.82
C ASP A 333 11.13 17.58 -9.50
N GLY A 334 10.66 16.37 -9.80
CA GLY A 334 9.28 15.94 -9.99
C GLY A 334 8.99 14.89 -8.90
N LYS A 335 9.40 13.62 -9.10
CA LYS A 335 9.16 12.56 -8.08
C LYS A 335 9.62 12.99 -6.69
N MET A 336 8.75 12.79 -5.69
CA MET A 336 9.07 13.11 -4.31
C MET A 336 10.11 12.12 -3.78
N SER A 337 11.24 12.66 -3.34
CA SER A 337 12.34 11.86 -2.82
C SER A 337 13.28 12.72 -1.98
N LYS A 338 13.84 12.12 -0.93
CA LYS A 338 14.72 12.84 0.01
C LYS A 338 15.90 13.58 -0.62
N SER A 339 16.48 12.99 -1.66
CA SER A 339 17.65 13.57 -2.32
C SER A 339 17.30 14.82 -3.12
N LYS A 340 16.00 14.96 -3.43
CA LYS A 340 15.53 16.09 -4.23
C LYS A 340 15.10 17.25 -3.38
N GLY A 341 14.97 17.00 -2.10
CA GLY A 341 14.63 18.05 -1.19
C GLY A 341 13.21 18.53 -1.27
N ASN A 342 12.31 17.60 -1.53
CA ASN A 342 10.99 17.95 -1.96
C ASN A 342 9.87 17.18 -1.28
N VAL A 343 10.13 16.76 -0.08
CA VAL A 343 9.33 15.80 0.63
C VAL A 343 8.22 16.47 1.45
N VAL A 344 7.16 15.72 1.64
CA VAL A 344 6.07 16.09 2.54
C VAL A 344 5.97 15.00 3.60
N ASP A 345 6.01 15.42 4.87
CA ASP A 345 5.97 14.52 6.02
C ASP A 345 4.53 14.16 6.34
N PRO A 346 4.19 12.86 6.30
CA PRO A 346 2.82 12.47 6.65
C PRO A 346 2.45 12.82 8.10
N ASN A 347 3.43 12.86 9.01
CA ASN A 347 3.13 13.32 10.38
C ASN A 347 2.52 14.72 10.43
N ILE A 348 3.05 15.62 9.60
CA ILE A 348 2.57 17.01 9.58
C ILE A 348 1.12 17.08 9.08
N LEU A 349 0.81 16.28 8.07
CA LEU A 349 -0.54 16.24 7.52
C LEU A 349 -1.53 15.69 8.53
N ILE A 350 -1.15 14.61 9.21
CA ILE A 350 -2.04 13.97 10.17
C ILE A 350 -2.29 14.92 11.35
N ASP A 351 -1.22 15.55 11.82
CA ASP A 351 -1.29 16.49 12.95
C ASP A 351 -2.19 17.69 12.64
N ARG A 352 -2.11 18.21 11.43
CA ARG A 352 -2.84 19.42 11.06
C ARG A 352 -4.28 19.14 10.66
N TYR A 353 -4.47 18.06 9.90
CA TYR A 353 -5.74 17.83 9.19
C TYR A 353 -6.51 16.59 9.62
N GLY A 354 -5.86 15.72 10.40
CA GLY A 354 -6.48 14.49 10.89
C GLY A 354 -6.13 13.26 10.07
N LEU A 355 -6.28 12.10 10.70
CA LEU A 355 -5.94 10.82 10.08
C LEU A 355 -6.83 10.44 8.88
N ASP A 356 -8.14 10.52 9.06
CA ASP A 356 -9.07 10.21 7.98
C ASP A 356 -8.79 11.07 6.75
N ALA A 357 -8.55 12.36 6.99
CA ALA A 357 -8.21 13.30 5.91
C ALA A 357 -6.99 12.83 5.12
N THR A 358 -5.94 12.47 5.84
CA THR A 358 -4.66 12.09 5.22
C THR A 358 -4.84 10.80 4.39
N ARG A 359 -5.47 9.79 4.99
CA ARG A 359 -5.71 8.52 4.31
C ARG A 359 -6.65 8.70 3.11
N TYR A 360 -7.70 9.50 3.30
CA TYR A 360 -8.65 9.75 2.24
C TYR A 360 -7.97 10.41 1.02
N TYR A 361 -7.18 11.45 1.27
CA TYR A 361 -6.48 12.15 0.20
C TYR A 361 -5.61 11.20 -0.61
N LEU A 362 -4.81 10.39 0.09
CA LEU A 362 -3.87 9.48 -0.58
C LEU A 362 -4.58 8.54 -1.56
N MET A 363 -5.72 8.00 -1.12
CA MET A 363 -6.48 7.02 -1.89
C MET A 363 -7.39 7.62 -2.97
N ARG A 364 -7.88 8.83 -2.71
CA ARG A 364 -8.85 9.48 -3.62
C ARG A 364 -8.19 10.29 -4.73
N GLU A 365 -7.16 11.05 -4.38
CA GLU A 365 -6.59 12.04 -5.30
C GLU A 365 -5.74 11.44 -6.40
N LEU A 366 -4.98 10.39 -6.07
CA LEU A 366 -4.10 9.75 -7.05
C LEU A 366 -4.46 8.28 -7.51
N PRO A 367 -4.88 8.11 -8.83
CA PRO A 367 -4.34 7.02 -8.18
C PRO A 367 -3.71 5.95 -9.08
N PHE A 368 -3.78 4.70 -8.65
CA PHE A 368 -2.68 3.74 -8.87
C PHE A 368 -1.89 3.76 -10.19
N GLY A 369 -2.54 3.47 -11.32
CA GLY A 369 -1.87 3.50 -12.62
C GLY A 369 -1.55 4.88 -13.17
N SER A 370 -1.51 5.88 -12.27
CA SER A 370 -1.16 7.24 -12.65
C SER A 370 -0.17 7.86 -11.68
N ASP A 371 0.68 8.74 -12.20
CA ASP A 371 1.48 9.63 -11.38
C ASP A 371 0.62 10.86 -11.07
N GLY A 372 0.93 11.56 -9.99
CA GLY A 372 0.17 12.76 -9.63
C GLY A 372 0.95 13.68 -8.73
N VAL A 373 0.84 14.99 -8.96
CA VAL A 373 1.56 15.93 -8.12
C VAL A 373 0.77 16.30 -6.88
N PHE A 374 1.42 16.21 -5.72
CA PHE A 374 0.86 16.68 -4.46
C PHE A 374 0.84 18.20 -4.45
N THR A 375 -0.28 18.76 -4.00
CA THR A 375 -0.30 20.17 -3.61
C THR A 375 -1.15 20.33 -2.35
N PRO A 376 -0.72 21.21 -1.42
CA PRO A 376 -1.54 21.48 -0.22
C PRO A 376 -2.95 21.96 -0.53
N GLU A 377 -3.11 22.75 -1.59
CA GLU A 377 -4.42 23.24 -2.00
C GLU A 377 -5.40 22.11 -2.33
N ALA A 378 -4.93 21.14 -3.12
CA ALA A 378 -5.73 19.96 -3.49
C ALA A 378 -6.02 19.10 -2.26
N PHE A 379 -5.07 19.02 -1.34
CA PHE A 379 -5.28 18.29 -0.09
C PHE A 379 -6.42 18.89 0.75
N VAL A 380 -6.39 20.20 1.01
CA VAL A 380 -7.43 20.79 1.85
C VAL A 380 -8.81 20.84 1.20
N GLU A 381 -8.84 21.01 -0.11
CA GLU A 381 -10.10 20.99 -0.86
C GLU A 381 -10.69 19.59 -0.84
N ARG A 382 -9.90 18.62 -1.28
CA ARG A 382 -10.32 17.24 -1.29
C ARG A 382 -10.97 16.87 0.04
N THR A 383 -10.31 17.22 1.14
CA THR A 383 -10.74 16.81 2.48
C THR A 383 -11.78 17.71 3.18
N ASN A 384 -11.77 19.02 2.91
CA ASN A 384 -12.81 19.89 3.44
C ASN A 384 -14.16 19.68 2.75
N PHE A 385 -14.14 19.56 1.43
CA PHE A 385 -15.36 19.45 0.65
C PHE A 385 -16.02 18.08 0.79
N ASP A 386 -15.24 17.03 0.66
CA ASP A 386 -15.80 15.67 0.64
C ASP A 386 -16.10 15.15 2.05
N LEU A 387 -15.14 15.33 2.96
CA LEU A 387 -15.29 14.76 4.30
C LEU A 387 -16.15 15.63 5.21
N ALA A 388 -15.64 16.79 5.65
CA ALA A 388 -16.38 17.62 6.59
C ALA A 388 -17.71 18.08 6.00
N ASN A 389 -17.69 18.50 4.75
CA ASN A 389 -18.89 19.14 4.20
C ASN A 389 -19.92 18.13 3.75
N ASP A 390 -19.57 17.28 2.79
CA ASP A 390 -20.53 16.34 2.23
C ASP A 390 -20.96 15.29 3.27
N LEU A 391 -20.02 14.49 3.75
CA LEU A 391 -20.35 13.41 4.69
C LEU A 391 -20.66 13.93 6.11
N GLY A 392 -19.82 14.82 6.63
CA GLY A 392 -20.03 15.36 7.99
C GLY A 392 -21.38 16.04 8.17
N ASN A 393 -21.73 16.91 7.22
CA ASN A 393 -23.01 17.61 7.27
C ASN A 393 -24.19 16.67 7.06
N LEU A 394 -24.03 15.69 6.17
CA LEU A 394 -25.09 14.68 6.00
C LEU A 394 -25.43 14.04 7.35
N VAL A 395 -24.41 13.59 8.08
CA VAL A 395 -24.64 12.89 9.34
C VAL A 395 -25.28 13.86 10.33
N ASN A 396 -24.69 15.05 10.47
CA ASN A 396 -25.20 16.00 11.45
C ASN A 396 -26.62 16.50 11.15
N ARG A 397 -26.93 16.75 9.89
CA ARG A 397 -28.29 17.15 9.50
C ARG A 397 -29.30 16.08 9.90
N THR A 398 -28.97 14.83 9.56
CA THR A 398 -29.84 13.68 9.83
C THR A 398 -30.13 13.50 11.32
N ILE A 399 -29.07 13.46 12.15
CA ILE A 399 -29.23 13.24 13.59
C ILE A 399 -29.98 14.42 14.23
N SER A 400 -29.67 15.64 13.80
CA SER A 400 -30.40 16.82 14.27
C SER A 400 -31.90 16.69 14.02
N MET A 401 -32.28 16.18 12.85
CA MET A 401 -33.70 16.06 12.50
C MET A 401 -34.39 14.98 13.34
N VAL A 402 -33.69 13.87 13.56
CA VAL A 402 -34.24 12.78 14.41
C VAL A 402 -34.47 13.28 15.84
N ASN A 403 -33.51 14.04 16.35
CA ASN A 403 -33.67 14.67 17.66
C ASN A 403 -34.83 15.68 17.71
N LYS A 404 -34.99 16.44 16.64
CA LYS A 404 -36.01 17.48 16.60
C LYS A 404 -37.42 16.92 16.39
N TYR A 405 -37.55 16.00 15.44
CA TYR A 405 -38.87 15.52 15.04
C TYR A 405 -39.36 14.32 15.84
N PHE A 406 -38.43 13.53 16.37
CA PHE A 406 -38.76 12.26 17.03
C PHE A 406 -38.14 12.12 18.42
N ASP A 407 -37.64 13.22 18.96
CA ASP A 407 -37.00 13.24 20.27
C ASP A 407 -35.93 12.15 20.40
N GLY A 408 -35.22 11.91 19.29
CA GLY A 408 -34.11 10.96 19.26
C GLY A 408 -34.47 9.56 18.82
N GLU A 409 -35.75 9.24 18.78
CA GLU A 409 -36.19 7.89 18.48
C GLU A 409 -36.39 7.68 16.97
N LEU A 410 -35.36 7.14 16.33
CA LEU A 410 -35.40 6.81 14.91
C LEU A 410 -36.35 5.65 14.64
N PRO A 411 -37.44 5.89 13.88
CA PRO A 411 -38.38 4.84 13.51
C PRO A 411 -37.73 3.76 12.66
N ALA A 412 -38.10 2.51 12.92
CA ALA A 412 -37.60 1.38 12.15
C ALA A 412 -37.95 1.56 10.67
N TYR A 413 -37.13 0.97 9.81
CA TYR A 413 -37.43 0.84 8.39
C TYR A 413 -38.68 -0.01 8.21
N GLN A 414 -39.52 0.40 7.24
CA GLN A 414 -40.70 -0.38 6.89
C GLN A 414 -40.65 -0.81 5.43
N GLY A 415 -40.36 0.15 4.54
CA GLY A 415 -40.37 -0.09 3.11
C GLY A 415 -40.11 1.19 2.34
N PRO A 416 -40.18 1.12 0.99
CA PRO A 416 -39.95 2.29 0.15
C PRO A 416 -41.21 3.18 0.04
N LEU A 417 -41.52 3.89 1.13
CA LEU A 417 -42.81 4.57 1.25
C LEU A 417 -42.90 5.88 0.46
N HIS A 418 -41.77 6.57 0.30
CA HIS A 418 -41.71 7.80 -0.48
C HIS A 418 -41.54 7.48 -1.97
N GLU A 419 -42.06 8.34 -2.85
CA GLU A 419 -41.97 8.10 -4.30
C GLU A 419 -40.52 8.01 -4.83
N LEU A 420 -39.60 8.66 -4.14
CA LEU A 420 -38.18 8.60 -4.50
C LEU A 420 -37.45 7.33 -4.04
N ASP A 421 -38.08 6.57 -3.14
CA ASP A 421 -37.37 5.53 -2.37
C ASP A 421 -36.94 4.33 -3.21
N GLU A 422 -37.80 3.87 -4.11
CA GLU A 422 -37.51 2.69 -4.92
C GLU A 422 -36.22 2.86 -5.71
N GLU A 423 -36.11 3.98 -6.43
CA GLU A 423 -34.92 4.31 -7.21
C GLU A 423 -33.70 4.54 -6.31
N MET A 424 -33.90 5.16 -5.14
CA MET A 424 -32.78 5.40 -4.25
C MET A 424 -32.24 4.12 -3.62
N GLU A 425 -33.16 3.22 -3.24
CA GLU A 425 -32.77 1.91 -2.73
C GLU A 425 -32.00 1.12 -3.78
N ALA A 426 -32.47 1.21 -5.03
CA ALA A 426 -31.76 0.63 -6.19
C ALA A 426 -30.35 1.23 -6.29
N MET A 427 -30.25 2.55 -6.15
CA MET A 427 -28.96 3.21 -6.21
C MET A 427 -28.02 2.70 -5.10
N ALA A 428 -28.58 2.43 -3.92
CA ALA A 428 -27.78 1.89 -2.81
C ALA A 428 -27.12 0.57 -3.22
N LEU A 429 -27.92 -0.32 -3.80
CA LEU A 429 -27.42 -1.62 -4.20
C LEU A 429 -26.42 -1.54 -5.34
N GLU A 430 -26.69 -0.65 -6.30
CA GLU A 430 -25.78 -0.43 -7.43
C GLU A 430 -24.45 0.15 -6.96
N THR A 431 -24.51 1.06 -5.98
CA THR A 431 -23.32 1.62 -5.34
C THR A 431 -22.43 0.51 -4.80
N VAL A 432 -23.03 -0.42 -4.05
CA VAL A 432 -22.27 -1.55 -3.53
C VAL A 432 -21.64 -2.38 -4.65
N LYS A 433 -22.43 -2.66 -5.70
CA LYS A 433 -21.96 -3.45 -6.83
C LYS A 433 -20.78 -2.81 -7.58
N SER A 434 -20.94 -1.52 -7.90
CA SER A 434 -19.89 -0.75 -8.57
C SER A 434 -18.64 -0.64 -7.70
N TYR A 435 -18.84 -0.32 -6.43
CA TYR A 435 -17.75 -0.26 -5.44
C TYR A 435 -16.93 -1.55 -5.46
N THR A 436 -17.63 -2.68 -5.42
CA THR A 436 -16.97 -3.98 -5.36
C THR A 436 -16.12 -4.21 -6.62
N GLU A 437 -16.69 -3.96 -7.80
CA GLU A 437 -15.93 -4.05 -9.05
C GLU A 437 -14.65 -3.22 -9.01
N SER A 438 -14.78 -1.98 -8.53
CA SER A 438 -13.64 -1.07 -8.43
C SER A 438 -12.60 -1.57 -7.44
N MET A 439 -13.06 -2.07 -6.30
CA MET A 439 -12.13 -2.59 -5.28
C MET A 439 -11.40 -3.83 -5.80
N GLU A 440 -12.14 -4.72 -6.45
CA GLU A 440 -11.53 -5.93 -7.01
C GLU A 440 -10.45 -5.62 -8.05
N SER A 441 -10.59 -4.49 -8.75
CA SER A 441 -9.65 -4.11 -9.79
C SER A 441 -8.62 -3.07 -9.31
N LEU A 442 -8.59 -2.86 -7.99
CA LEU A 442 -7.67 -1.93 -7.34
C LEU A 442 -7.81 -0.49 -7.86
N GLN A 443 -9.03 -0.11 -8.21
CA GLN A 443 -9.30 1.26 -8.64
C GLN A 443 -9.95 2.02 -7.49
N PHE A 444 -9.13 2.30 -6.47
CA PHE A 444 -9.66 2.83 -5.22
C PHE A 444 -10.28 4.22 -5.32
N SER A 445 -9.70 5.08 -6.15
CA SER A 445 -10.23 6.42 -6.35
C SER A 445 -11.62 6.39 -6.98
N VAL A 446 -11.83 5.42 -7.87
CA VAL A 446 -13.14 5.18 -8.49
C VAL A 446 -14.13 4.64 -7.46
N ALA A 447 -13.69 3.68 -6.64
CA ALA A 447 -14.51 3.19 -5.52
C ALA A 447 -15.00 4.34 -4.64
N LEU A 448 -14.08 5.24 -4.30
CA LEU A 448 -14.39 6.39 -3.46
C LEU A 448 -15.34 7.39 -4.12
N SER A 449 -15.06 7.76 -5.36
CA SER A 449 -15.99 8.66 -6.08
C SER A 449 -17.41 8.06 -6.17
N THR A 450 -17.49 6.73 -6.32
CA THR A 450 -18.79 6.05 -6.36
C THR A 450 -19.51 6.17 -5.00
N VAL A 451 -18.81 5.95 -3.90
CA VAL A 451 -19.40 6.17 -2.58
C VAL A 451 -19.89 7.62 -2.45
N TRP A 452 -19.07 8.57 -2.90
CA TRP A 452 -19.43 9.98 -2.77
C TRP A 452 -20.63 10.39 -3.61
N LYS A 453 -20.83 9.76 -4.76
CA LYS A 453 -22.04 10.02 -5.54
C LYS A 453 -23.28 9.70 -4.71
N PHE A 454 -23.19 8.64 -3.92
CA PHE A 454 -24.27 8.20 -3.06
C PHE A 454 -24.47 9.08 -1.82
N ILE A 455 -23.36 9.45 -1.18
CA ILE A 455 -23.40 10.44 -0.10
C ILE A 455 -24.06 11.73 -0.60
N SER A 456 -23.60 12.24 -1.73
CA SER A 456 -24.13 13.48 -2.27
C SER A 456 -25.62 13.38 -2.57
N ARG A 457 -26.03 12.24 -3.12
CA ARG A 457 -27.44 12.00 -3.44
C ARG A 457 -28.28 11.95 -2.17
N THR A 458 -27.69 11.47 -1.07
CA THR A 458 -28.37 11.39 0.21
C THR A 458 -28.62 12.78 0.81
N ASN A 459 -27.64 13.68 0.71
CA ASN A 459 -27.89 15.10 0.99
C ASN A 459 -29.02 15.68 0.12
N LYS A 460 -29.00 15.37 -1.17
CA LYS A 460 -30.06 15.82 -2.09
C LYS A 460 -31.45 15.30 -1.67
N TYR A 461 -31.50 14.07 -1.18
CA TYR A 461 -32.74 13.46 -0.68
C TYR A 461 -33.37 14.30 0.44
N ILE A 462 -32.56 14.90 1.31
CA ILE A 462 -33.09 15.86 2.30
C ILE A 462 -33.77 17.04 1.60
N ASP A 463 -33.06 17.62 0.62
CA ASP A 463 -33.58 18.79 -0.11
C ASP A 463 -34.89 18.45 -0.81
N GLU A 464 -35.00 17.23 -1.29
CA GLU A 464 -36.08 16.82 -2.15
C GLU A 464 -37.31 16.46 -1.35
N THR A 465 -37.08 15.84 -0.20
CA THR A 465 -38.16 15.42 0.63
C THR A 465 -38.66 16.51 1.59
N THR A 466 -37.88 17.56 1.79
CA THR A 466 -38.24 18.61 2.70
C THR A 466 -38.80 18.29 4.07
N PRO A 467 -38.13 17.43 4.79
CA PRO A 467 -38.67 16.95 6.04
C PRO A 467 -39.38 17.97 6.91
N TRP A 468 -38.94 19.21 6.87
CA TRP A 468 -39.51 20.27 7.66
C TRP A 468 -40.97 20.56 7.30
N VAL A 469 -41.27 20.37 6.05
CA VAL A 469 -42.64 20.51 5.55
C VAL A 469 -43.51 19.36 6.07
N LEU A 470 -42.98 18.14 6.03
CA LEU A 470 -43.67 16.95 6.53
C LEU A 470 -43.93 17.02 8.04
N ALA A 471 -43.03 17.71 8.75
CA ALA A 471 -43.12 17.85 10.20
C ALA A 471 -44.26 18.76 10.66
N LYS A 472 -44.80 19.56 9.74
CA LYS A 472 -45.90 20.48 10.02
C LYS A 472 -47.27 19.79 10.00
N ASP A 473 -47.31 18.59 9.42
CA ASP A 473 -48.56 17.88 9.19
C ASP A 473 -48.57 16.55 9.95
N ASP A 474 -49.47 16.46 10.94
CA ASP A 474 -49.55 15.28 11.82
C ASP A 474 -49.88 13.98 11.07
N SER A 475 -50.51 14.10 9.91
CA SER A 475 -50.85 12.95 9.08
C SER A 475 -49.64 12.40 8.30
N GLN A 476 -48.54 13.14 8.34
CA GLN A 476 -47.33 12.80 7.57
C GLN A 476 -46.21 12.24 8.45
N LYS A 477 -46.52 11.93 9.70
CA LYS A 477 -45.50 11.45 10.64
C LYS A 477 -44.89 10.11 10.21
N ASP A 478 -45.73 9.24 9.65
CA ASP A 478 -45.26 7.95 9.13
C ASP A 478 -44.25 8.17 7.99
N MET A 479 -44.61 9.05 7.05
CA MET A 479 -43.72 9.41 5.95
C MET A 479 -42.44 10.05 6.44
N LEU A 480 -42.55 11.02 7.36
CA LEU A 480 -41.37 11.64 7.97
C LEU A 480 -40.42 10.61 8.57
N GLY A 481 -40.97 9.65 9.32
CA GLY A 481 -40.19 8.57 9.89
C GLY A 481 -39.46 7.77 8.82
N ASN A 482 -40.17 7.48 7.74
CA ASN A 482 -39.59 6.79 6.59
C ASN A 482 -38.40 7.53 5.98
N VAL A 483 -38.56 8.84 5.80
CA VAL A 483 -37.48 9.69 5.28
C VAL A 483 -36.26 9.59 6.20
N MET A 484 -36.49 9.75 7.51
CA MET A 484 -35.43 9.57 8.50
C MET A 484 -34.76 8.19 8.38
N ALA A 485 -35.57 7.15 8.26
CA ALA A 485 -35.05 5.78 8.13
C ALA A 485 -34.17 5.58 6.88
N HIS A 486 -34.58 6.20 5.77
CA HIS A 486 -33.78 6.11 4.54
C HIS A 486 -32.46 6.89 4.64
N LEU A 487 -32.50 8.06 5.26
CA LEU A 487 -31.28 8.84 5.51
C LEU A 487 -30.28 8.01 6.30
N VAL A 488 -30.75 7.40 7.38
CA VAL A 488 -29.86 6.65 8.26
C VAL A 488 -29.31 5.39 7.56
N GLU A 489 -30.18 4.70 6.81
CA GLU A 489 -29.74 3.48 6.12
C GLU A 489 -28.70 3.81 5.04
N ASN A 490 -28.95 4.89 4.28
CA ASN A 490 -27.97 5.39 3.32
C ASN A 490 -26.61 5.72 3.97
N ILE A 491 -26.66 6.42 5.10
CA ILE A 491 -25.46 6.75 5.86
C ILE A 491 -24.76 5.46 6.27
N ARG A 492 -25.53 4.49 6.76
CA ARG A 492 -24.98 3.20 7.21
C ARG A 492 -24.24 2.49 6.08
N TYR A 493 -24.83 2.49 4.89
CA TYR A 493 -24.16 1.94 3.70
C TYR A 493 -22.82 2.61 3.46
N ALA A 494 -22.81 3.95 3.42
CA ALA A 494 -21.59 4.70 3.19
C ALA A 494 -20.53 4.34 4.24
N ALA A 495 -20.94 4.30 5.51
CA ALA A 495 -20.04 3.98 6.61
C ALA A 495 -19.39 2.61 6.42
N VAL A 496 -20.18 1.59 6.07
CA VAL A 496 -19.65 0.23 5.89
C VAL A 496 -18.63 0.22 4.76
N LEU A 497 -19.03 0.78 3.63
CA LEU A 497 -18.17 0.89 2.45
C LEU A 497 -16.84 1.63 2.71
N LEU A 498 -16.85 2.57 3.66
CA LEU A 498 -15.66 3.36 3.95
C LEU A 498 -14.72 2.71 4.99
N ARG A 499 -15.18 1.63 5.61
CA ARG A 499 -14.36 0.95 6.63
C ARG A 499 -12.93 0.56 6.19
N PRO A 500 -12.74 0.08 4.94
CA PRO A 500 -11.35 -0.18 4.52
C PRO A 500 -10.46 1.07 4.44
N PHE A 501 -11.09 2.21 4.22
CA PHE A 501 -10.40 3.45 3.90
C PHE A 501 -10.16 4.35 5.11
N LEU A 502 -11.22 4.54 5.88
CA LEU A 502 -11.23 5.48 6.99
C LEU A 502 -11.43 4.70 8.28
N THR A 503 -10.48 4.87 9.20
CA THR A 503 -10.47 4.12 10.44
C THR A 503 -11.18 4.84 11.59
N HIS A 504 -11.47 6.13 11.41
CA HIS A 504 -12.16 6.91 12.45
C HIS A 504 -13.64 7.14 12.15
N ALA A 505 -13.93 7.72 10.99
CA ALA A 505 -15.29 8.13 10.61
C ALA A 505 -16.36 7.04 10.79
N PRO A 506 -16.16 5.84 10.19
CA PRO A 506 -17.21 4.81 10.28
C PRO A 506 -17.62 4.48 11.71
N LYS A 507 -16.63 4.20 12.57
CA LYS A 507 -16.87 3.89 13.98
C LYS A 507 -17.65 5.02 14.67
N GLU A 508 -17.24 6.27 14.42
CA GLU A 508 -17.90 7.44 15.00
C GLU A 508 -19.34 7.59 14.52
N ILE A 509 -19.58 7.30 13.23
CA ILE A 509 -20.91 7.35 12.64
C ILE A 509 -21.83 6.33 13.28
N PHE A 510 -21.38 5.08 13.38
CA PHE A 510 -22.11 4.05 14.09
C PHE A 510 -22.42 4.44 15.54
N GLU A 511 -21.44 5.04 16.22
CA GLU A 511 -21.62 5.47 17.62
C GLU A 511 -22.73 6.50 17.77
N GLN A 512 -22.72 7.51 16.89
CA GLN A 512 -23.66 8.61 17.00
C GLN A 512 -25.08 8.18 16.59
N LEU A 513 -25.16 7.31 15.58
CA LEU A 513 -26.44 6.69 15.19
C LEU A 513 -26.88 5.63 16.20
N ASN A 514 -25.97 5.27 17.09
CA ASN A 514 -26.20 4.22 18.09
C ASN A 514 -26.57 2.89 17.42
N ILE A 515 -25.87 2.57 16.35
CA ILE A 515 -25.96 1.26 15.72
C ILE A 515 -24.94 0.37 16.39
N ASN A 516 -25.41 -0.65 17.12
CA ASN A 516 -24.54 -1.47 17.97
C ASN A 516 -24.27 -2.87 17.44
N ASN A 517 -25.21 -3.40 16.67
CA ASN A 517 -25.09 -4.75 16.12
C ASN A 517 -23.89 -4.84 15.16
N PRO A 518 -22.85 -5.61 15.54
CA PRO A 518 -21.65 -5.66 14.68
C PRO A 518 -21.94 -6.17 13.27
N GLN A 519 -22.99 -6.98 13.11
CA GLN A 519 -23.38 -7.48 11.80
C GLN A 519 -23.79 -6.36 10.86
N PHE A 520 -24.34 -5.28 11.42
CA PHE A 520 -24.77 -4.12 10.64
C PHE A 520 -23.61 -3.24 10.20
N MET A 521 -22.39 -3.65 10.53
CA MET A 521 -21.18 -2.93 10.14
C MET A 521 -20.40 -3.65 9.05
N GLU A 522 -20.94 -4.80 8.63
CA GLU A 522 -20.27 -5.72 7.68
C GLU A 522 -20.91 -5.71 6.28
N PHE A 523 -20.12 -6.09 5.27
CA PHE A 523 -20.58 -6.12 3.88
C PHE A 523 -21.86 -6.92 3.64
N SER A 524 -22.01 -8.06 4.31
CA SER A 524 -23.19 -8.92 4.14
C SER A 524 -24.50 -8.17 4.49
N SER A 525 -24.41 -7.22 5.42
CA SER A 525 -25.58 -6.43 5.83
C SER A 525 -26.03 -5.42 4.76
N LEU A 526 -25.32 -5.36 3.64
CA LEU A 526 -25.67 -4.46 2.53
C LEU A 526 -26.40 -5.19 1.40
N GLU A 527 -26.66 -6.48 1.59
CA GLU A 527 -27.32 -7.29 0.56
C GLU A 527 -28.78 -6.91 0.32
N GLN A 528 -29.48 -6.57 1.40
CA GLN A 528 -30.89 -6.15 1.33
C GLN A 528 -31.08 -4.85 2.10
N TYR A 529 -31.50 -3.81 1.39
CA TYR A 529 -31.72 -2.47 1.97
C TYR A 529 -32.79 -2.49 3.06
N GLY A 530 -32.51 -1.83 4.18
CA GLY A 530 -33.53 -1.62 5.24
C GLY A 530 -33.41 -2.58 6.40
N VAL A 531 -32.20 -2.63 6.93
CA VAL A 531 -31.77 -3.59 7.93
C VAL A 531 -32.30 -3.26 9.35
N LEU A 532 -32.60 -1.98 9.60
CA LEU A 532 -32.93 -1.50 10.94
C LEU A 532 -34.43 -1.68 11.23
N THR A 533 -34.74 -2.79 11.89
CA THR A 533 -36.12 -3.26 12.12
C THR A 533 -36.67 -2.91 13.50
N GLU A 534 -35.83 -2.29 14.33
CA GLU A 534 -36.23 -1.81 15.65
C GLU A 534 -35.97 -0.31 15.73
N SER A 535 -36.76 0.36 16.56
CA SER A 535 -36.51 1.76 16.90
C SER A 535 -35.12 1.89 17.56
N ILE A 536 -34.41 2.97 17.24
CA ILE A 536 -33.11 3.25 17.86
C ILE A 536 -33.07 4.68 18.41
N MET A 537 -32.52 4.82 19.63
CA MET A 537 -32.27 6.13 20.20
C MET A 537 -30.90 6.61 19.73
N VAL A 538 -30.89 7.57 18.80
CA VAL A 538 -29.65 8.19 18.33
C VAL A 538 -29.08 9.10 19.41
N THR A 539 -27.85 9.58 19.23
CA THR A 539 -27.21 10.44 20.23
C THR A 539 -27.95 11.77 20.35
N GLY A 540 -28.08 12.26 21.59
CA GLY A 540 -28.70 13.56 21.84
C GLY A 540 -27.66 14.67 21.81
N GLN A 541 -26.39 14.27 21.68
CA GLN A 541 -25.29 15.22 21.57
C GLN A 541 -24.39 14.90 20.36
N PRO A 542 -24.91 15.11 19.13
CA PRO A 542 -24.07 14.88 17.96
C PRO A 542 -22.91 15.87 17.90
N LYS A 543 -21.76 15.40 17.46
CA LYS A 543 -20.57 16.22 17.32
C LYS A 543 -19.96 15.94 15.94
N PRO A 544 -19.13 16.88 15.42
CA PRO A 544 -18.57 16.66 14.08
C PRO A 544 -17.84 15.33 13.90
N ILE A 545 -18.14 14.65 12.80
CA ILE A 545 -17.46 13.40 12.42
C ILE A 545 -15.98 13.67 12.13
N PHE A 546 -15.68 14.84 11.57
CA PHE A 546 -14.33 15.21 11.18
C PHE A 546 -13.82 16.45 11.94
N PRO A 547 -12.48 16.64 12.02
CA PRO A 547 -11.40 15.86 11.41
C PRO A 547 -11.07 14.58 12.19
C1 3BG B . 12.79 -2.60 -2.07
C2 3BG B . 13.78 -2.08 -2.90
C3 3BG B . 14.63 -2.93 -3.60
C4 3BG B . 14.57 -4.40 -3.45
C5 3BG B . 13.58 -4.93 -2.62
C6 3BG B . 12.69 -4.08 -1.91
C13 3BG B . 16.70 -1.81 -3.93
C15 3BG B . 18.80 -0.97 -4.44
C17 3BG B . 18.13 -1.03 -2.18
C18 3BG B . 16.91 -1.58 -2.55
O38 3BG B . 23.14 1.58 -8.01
C36 3BG B . 22.35 0.69 -8.27
C37 3BG B . 22.18 0.16 -9.67
N33 3BG B . 21.60 0.13 -7.32
C34 3BG B . 20.66 -0.95 -7.60
C35 3BG B . 19.38 -0.70 -6.82
N30 3BG B . 19.75 -0.66 -5.42
C31 3BG B . 21.11 -0.35 -4.96
C32 3BG B . 21.73 0.63 -5.94
N16 3BG B . 19.04 -0.72 -3.13
N19 3BG B . 18.40 -0.79 -0.88
C20 3BG B . 19.68 -0.24 -0.49
C21 3BG B . 20.46 -1.46 -0.03
N22 3BG B . 19.93 -2.54 0.60
C23 3BG B . 20.90 -3.44 0.88
C26 3BG B . 20.95 -4.72 1.47
C27 3BG B . 22.18 -5.36 1.58
C28 3BG B . 23.37 -4.78 1.11
C29 3BG B . 23.35 -3.52 0.49
C24 3BG B . 22.15 -2.83 0.36
N25 3BG B . 21.79 -1.64 -0.17
N14 3BG B . 17.64 -1.49 -4.83
O11 3BG B . 15.55 -2.35 -4.43
CL1 3BG B . 15.59 -5.35 -4.27
O7 3BG B . 11.73 -4.56 -1.06
C8 3BG B . 11.60 -5.99 -0.86
O9 3BG B . 11.93 -1.79 -1.39
C10 3BG B . 12.05 -0.36 -1.43
PG ATP C . 16.01 6.93 -2.69
O1G ATP C . 16.92 5.83 -3.21
O2G ATP C . 15.04 7.39 -3.76
O3G ATP C . 16.67 7.99 -1.85
PB ATP C . 13.55 6.00 -1.54
O1B ATP C . 13.11 5.47 -0.19
O2B ATP C . 12.84 7.23 -2.08
O3B ATP C . 15.14 6.13 -1.57
PA ATP C . 12.41 4.65 -3.80
O1A ATP C . 13.01 3.59 -4.71
O2A ATP C . 12.19 6.05 -4.33
O3A ATP C . 13.39 4.72 -2.52
O5' ATP C . 11.04 4.13 -3.13
C5' ATP C . 10.89 2.83 -2.53
C4' ATP C . 9.42 2.49 -2.37
O4' ATP C . 8.76 3.40 -1.47
C3' ATP C . 8.63 2.57 -3.67
O3' ATP C . 8.67 1.38 -4.48
C2' ATP C . 7.24 2.90 -3.18
O2' ATP C . 6.65 1.72 -2.61
C1' ATP C . 7.54 3.88 -2.07
N9 ATP C . 7.75 5.27 -2.58
C8 ATP C . 8.81 6.05 -2.30
N7 ATP C . 8.68 7.24 -2.94
C5 ATP C . 7.51 7.23 -3.60
C6 ATP C . 6.83 8.16 -4.40
N6 ATP C . 7.34 9.40 -4.66
N1 ATP C . 5.63 7.82 -4.94
C2 ATP C . 5.09 6.60 -4.71
N3 ATP C . 5.73 5.69 -3.95
C4 ATP C . 6.93 5.97 -3.38
MG MG D . -4.06 -20.26 0.55
MG MG E . 12.92 7.91 -3.91
#